data_6IWA
#
_entry.id   6IWA
#
_cell.length_a   78.657
_cell.length_b   89.797
_cell.length_c   99.422
_cell.angle_alpha   90.000
_cell.angle_beta   90.000
_cell.angle_gamma   90.000
#
_symmetry.space_group_name_H-M   'P 21 21 21'
#
loop_
_entity.id
_entity.type
_entity.pdbx_description
1 polymer 'PHOSPHOSERINE GM130'
2 polymer 'Importin subunit alpha-1'
3 water water
#
loop_
_entity_poly.entity_id
_entity_poly.type
_entity_poly.pdbx_seq_one_letter_code
_entity_poly.pdbx_strand_id
1 'polypeptide(L)' AKKKLREYQQRN(SEP)PGVPTGAKKKKKIKN A
2 'polypeptide(L)'
;GSHMNQGTVNWSVEDIVKGINSNNLESQLQATQAARKLLSREKQPPIDNIIRAGLIPKFVSFLGKTDCSPIQFESAWALT
NIASGTSEQTKAVVDGGAIPAFISLLASPHAHISEQAVWALGNIAGDGSAFRDLVIKHGAIDPLLALLAVPDLSTLACGY
LRNLTWTLSNLCRNKNPAPPLDAVEQILPTLVRLLHHNDPEVLADSCWAISYLTDGPNERIEMVVKKGVVPQLVKLLGAT
ELPIVTPALRAIGNIVTGTDEQTQKVIDAGALAVFPSLLTNPKTNIQKEATWTMSNITAGRQDQIQQVVNHGLVPFLVGV
LSKADFKTQKEAAWAITNYTSGGTVEQIVYLVHCGIIEPLMNLLSAKDTKIIQVILDAISNIFQAAEKLGETEKLSIMIE
ECGGLDKIEALQRHENESVYKASLNLIEKYFSV
;
C
#
# COMPACT_ATOMS: atom_id res chain seq x y z
N ALA A 1 -5.21 -19.11 -10.95
CA ALA A 1 -5.33 -17.69 -11.28
C ALA A 1 -4.74 -16.81 -10.18
N LYS A 2 -4.42 -15.57 -10.53
CA LYS A 2 -3.80 -14.63 -9.61
C LYS A 2 -4.87 -13.84 -8.86
N LYS A 3 -4.61 -13.54 -7.59
CA LYS A 3 -5.49 -12.76 -6.74
C LYS A 3 -4.90 -11.37 -6.55
N LYS A 4 -5.60 -10.34 -7.04
CA LYS A 4 -5.17 -8.96 -6.88
C LYS A 4 -5.28 -8.52 -5.42
N LEU A 5 -4.65 -7.36 -5.11
CA LEU A 5 -4.55 -6.86 -3.74
C LEU A 5 -5.91 -6.58 -3.09
N ARG A 6 -6.96 -6.33 -3.89
CA ARG A 6 -8.30 -6.15 -3.32
C ARG A 6 -8.88 -7.49 -2.84
N GLU A 7 -8.69 -8.56 -3.61
CA GLU A 7 -9.10 -9.89 -3.14
C GLU A 7 -8.21 -10.35 -1.99
N TYR A 8 -6.91 -10.04 -2.07
CA TYR A 8 -5.98 -10.30 -0.98
C TYR A 8 -6.49 -9.76 0.35
N GLN A 9 -6.73 -8.44 0.38
CA GLN A 9 -7.04 -7.66 1.57
C GLN A 9 -8.53 -7.70 1.92
N GLN A 10 -9.34 -8.42 1.13
CA GLN A 10 -10.75 -8.63 1.46
C GLN A 10 -10.90 -9.48 2.72
N ARG A 11 -10.13 -10.55 2.83
CA ARG A 11 -10.06 -11.38 4.04
C ARG A 11 -8.82 -11.04 4.87
N ASN A 12 -8.44 -9.75 4.91
CA ASN A 12 -7.25 -9.32 5.65
C ASN A 12 -7.40 -7.92 6.29
N SEP A 13 -7.71 -6.90 5.50
CA SEP A 13 -7.98 -5.58 6.07
CB SEP A 13 -7.84 -4.45 5.06
OG SEP A 13 -9.07 -4.15 4.40
C SEP A 13 -9.39 -5.57 6.69
O SEP A 13 -10.22 -6.41 6.35
P SEP A 13 -9.29 -2.56 4.19
O1P SEP A 13 -10.37 -2.01 5.26
O2P SEP A 13 -7.90 -1.78 4.40
O3P SEP A 13 -9.85 -2.28 2.71
N PRO A 14 -9.67 -4.60 7.60
CA PRO A 14 -8.84 -3.51 8.13
C PRO A 14 -7.54 -3.95 8.83
N GLY A 15 -6.55 -3.07 8.82
CA GLY A 15 -5.24 -3.36 9.39
C GLY A 15 -4.10 -3.37 8.40
N VAL A 16 -4.38 -3.33 7.10
CA VAL A 16 -3.32 -3.37 6.09
C VAL A 16 -2.68 -1.99 5.99
N PRO A 17 -1.35 -1.88 5.98
CA PRO A 17 -0.72 -0.55 6.08
C PRO A 17 -0.80 0.24 4.78
N THR A 18 -0.83 1.57 4.94
CA THR A 18 -0.71 2.51 3.82
C THR A 18 0.02 3.75 4.32
N GLY A 19 0.50 4.56 3.37
CA GLY A 19 1.07 5.87 3.68
C GLY A 19 0.10 6.80 4.39
N ALA A 20 0.57 7.96 4.84
CA ALA A 20 -0.30 8.89 5.57
C ALA A 20 -1.26 9.55 4.58
N LYS A 21 -2.56 9.42 4.86
CA LYS A 21 -3.55 10.03 3.98
C LYS A 21 -3.57 11.55 4.13
N LYS A 22 -3.56 12.03 5.37
CA LYS A 22 -3.58 13.45 5.71
C LYS A 22 -2.58 13.69 6.84
N LYS A 23 -2.07 14.92 6.93
CA LYS A 23 -1.02 15.25 7.89
C LYS A 23 -1.30 16.59 8.53
N LYS A 24 -1.36 16.59 9.86
CA LYS A 24 -1.45 17.82 10.63
C LYS A 24 -0.05 18.38 10.87
N LYS A 25 0.07 19.71 10.75
CA LYS A 25 1.33 20.40 11.01
C LYS A 25 1.32 20.97 12.43
N ILE A 26 2.24 20.50 13.26
CA ILE A 26 2.27 20.90 14.67
C ILE A 26 3.49 21.75 15.02
N LYS A 27 4.53 21.76 14.21
CA LYS A 27 5.77 22.47 14.51
C LYS A 27 6.21 23.24 13.27
N ASN A 28 7.12 24.21 13.47
CA ASN A 28 7.57 25.16 12.44
C ASN A 28 7.69 24.60 11.03
N GLN B 6 3.58 34.26 24.02
CA GLN B 6 2.43 34.54 24.89
C GLN B 6 1.38 35.42 24.20
N GLY B 7 1.80 36.12 23.13
CA GLY B 7 0.90 37.05 22.48
C GLY B 7 -0.31 36.39 21.84
N THR B 8 -0.08 35.31 21.07
CA THR B 8 -1.15 34.65 20.33
C THR B 8 -1.40 33.22 20.82
N VAL B 9 -1.20 32.94 22.12
CA VAL B 9 -1.11 31.56 22.61
C VAL B 9 -2.46 30.83 22.58
N ASN B 10 -3.41 31.24 23.41
CA ASN B 10 -4.71 30.58 23.45
C ASN B 10 -5.78 31.64 23.31
N TRP B 11 -5.99 32.13 22.09
CA TRP B 11 -7.11 33.02 21.89
C TRP B 11 -8.40 32.23 21.84
N SER B 12 -9.47 32.86 22.32
CA SER B 12 -10.81 32.40 22.02
C SER B 12 -11.11 32.59 20.54
N VAL B 13 -12.01 31.76 20.01
CA VAL B 13 -12.47 31.93 18.63
C VAL B 13 -13.09 33.31 18.45
N GLU B 14 -13.80 33.79 19.47
CA GLU B 14 -14.38 35.13 19.45
C GLU B 14 -13.34 36.22 19.23
N ASP B 15 -12.18 36.12 19.90
CA ASP B 15 -11.09 37.08 19.70
C ASP B 15 -10.48 36.96 18.31
N ILE B 16 -10.23 35.73 17.86
CA ILE B 16 -9.75 35.51 16.51
C ILE B 16 -10.69 36.15 15.50
N VAL B 17 -11.98 35.97 15.69
CA VAL B 17 -12.97 36.53 14.76
C VAL B 17 -12.94 38.05 14.81
N LYS B 18 -12.80 38.62 16.02
CA LYS B 18 -12.79 40.07 16.13
C LYS B 18 -11.57 40.64 15.41
N GLY B 19 -10.43 39.96 15.52
CA GLY B 19 -9.22 40.45 14.86
C GLY B 19 -9.27 40.31 13.35
N ILE B 20 -9.79 39.18 12.85
CA ILE B 20 -9.80 38.95 11.41
C ILE B 20 -10.76 39.91 10.71
N ASN B 21 -11.81 40.37 11.39
CA ASN B 21 -12.79 41.29 10.84
C ASN B 21 -12.46 42.76 11.08
N SER B 22 -11.19 43.11 11.33
CA SER B 22 -10.88 44.40 11.96
C SER B 22 -10.50 45.53 10.99
N ASN B 23 -10.31 45.26 9.70
CA ASN B 23 -9.86 46.30 8.76
C ASN B 23 -8.47 46.82 9.08
N ASN B 24 -7.67 46.03 9.81
CA ASN B 24 -6.27 46.34 10.06
C ASN B 24 -5.51 45.07 9.71
N LEU B 25 -4.71 45.13 8.64
CA LEU B 25 -4.09 43.93 8.11
C LEU B 25 -3.19 43.26 9.15
N GLU B 26 -2.46 44.08 9.91
CA GLU B 26 -1.60 43.57 10.98
C GLU B 26 -2.42 42.95 12.12
N SER B 27 -3.58 43.54 12.47
CA SER B 27 -4.46 42.89 13.43
C SER B 27 -4.94 41.54 12.90
N GLN B 28 -5.26 41.47 11.60
CA GLN B 28 -5.72 40.22 10.99
C GLN B 28 -4.64 39.16 10.98
N LEU B 29 -3.38 39.57 10.78
CA LEU B 29 -2.25 38.64 10.80
C LEU B 29 -2.11 38.01 12.17
N GLN B 30 -2.18 38.83 13.21
CA GLN B 30 -2.08 38.31 14.57
C GLN B 30 -3.20 37.33 14.89
N ALA B 31 -4.43 37.70 14.52
CA ALA B 31 -5.55 36.78 14.73
C ALA B 31 -5.39 35.50 13.92
N THR B 32 -4.82 35.61 12.72
CA THR B 32 -4.65 34.41 11.90
C THR B 32 -3.59 33.50 12.48
N GLN B 33 -2.50 34.08 12.99
CA GLN B 33 -1.52 33.27 13.70
C GLN B 33 -2.13 32.63 14.94
N ALA B 34 -2.94 33.39 15.69
CA ALA B 34 -3.64 32.81 16.84
C ALA B 34 -4.54 31.65 16.41
N ALA B 35 -5.19 31.76 15.24
CA ALA B 35 -5.98 30.66 14.70
C ALA B 35 -5.10 29.46 14.36
N ARG B 36 -3.94 29.72 13.76
CA ARG B 36 -3.01 28.65 13.42
C ARG B 36 -2.52 27.91 14.66
N LYS B 37 -2.25 28.63 15.74
CA LYS B 37 -1.78 27.97 16.97
C LYS B 37 -2.89 27.16 17.62
N LEU B 38 -4.12 27.70 17.66
CA LEU B 38 -5.29 26.92 18.06
C LEU B 38 -5.39 25.62 17.26
N LEU B 39 -5.28 25.73 15.93
CA LEU B 39 -5.40 24.57 15.04
C LEU B 39 -4.20 23.64 15.09
N SER B 40 -3.09 24.06 15.71
CA SER B 40 -1.90 23.23 15.77
C SER B 40 -1.79 22.44 17.06
N ARG B 41 -2.57 22.75 18.09
CA ARG B 41 -2.47 22.00 19.34
C ARG B 41 -2.91 20.56 19.12
N GLU B 42 -2.39 19.66 19.95
CA GLU B 42 -2.65 18.25 19.70
C GLU B 42 -3.88 17.74 20.44
N LYS B 43 -4.31 18.39 21.51
CA LYS B 43 -5.54 18.01 22.20
C LYS B 43 -6.72 18.69 21.53
N GLN B 44 -7.36 17.97 20.59
CA GLN B 44 -8.66 18.26 19.97
C GLN B 44 -8.78 19.71 19.50
N PRO B 45 -8.11 20.06 18.41
CA PRO B 45 -8.17 21.46 17.92
C PRO B 45 -9.55 21.79 17.39
N PRO B 46 -10.08 23.03 17.71
CA PRO B 46 -11.49 23.36 17.42
C PRO B 46 -11.72 23.70 15.96
N ILE B 47 -11.47 22.72 15.09
CA ILE B 47 -11.65 22.87 13.65
C ILE B 47 -13.08 23.29 13.33
N ASP B 48 -14.06 22.59 13.90
CA ASP B 48 -15.46 22.87 13.54
C ASP B 48 -15.88 24.25 13.99
N ASN B 49 -15.45 24.67 15.19
CA ASN B 49 -15.75 26.03 15.64
C ASN B 49 -15.13 27.07 14.71
N ILE B 50 -13.89 26.84 14.27
CA ILE B 50 -13.26 27.73 13.30
C ILE B 50 -14.05 27.76 11.99
N ILE B 51 -14.54 26.60 11.54
CA ILE B 51 -15.34 26.57 10.30
C ILE B 51 -16.64 27.34 10.49
N ARG B 52 -17.35 27.10 11.61
CA ARG B 52 -18.65 27.73 11.87
C ARG B 52 -18.54 29.25 12.04
N ALA B 53 -17.41 29.76 12.52
CA ALA B 53 -17.23 31.20 12.62
C ALA B 53 -17.08 31.87 11.26
N GLY B 54 -16.97 31.11 10.16
CA GLY B 54 -16.84 31.71 8.85
C GLY B 54 -15.45 32.16 8.49
N LEU B 55 -14.41 31.55 9.06
CA LEU B 55 -13.07 32.06 8.83
C LEU B 55 -12.43 31.55 7.54
N ILE B 56 -12.92 30.46 6.94
CA ILE B 56 -12.24 29.89 5.77
C ILE B 56 -12.16 30.86 4.60
N PRO B 57 -13.25 31.54 4.20
CA PRO B 57 -13.12 32.54 3.12
C PRO B 57 -12.09 33.62 3.41
N LYS B 58 -11.96 34.02 4.67
CA LYS B 58 -10.96 35.01 5.06
C LYS B 58 -9.56 34.44 4.90
N PHE B 59 -9.36 33.22 5.40
CA PHE B 59 -8.08 32.54 5.24
C PHE B 59 -7.74 32.39 3.77
N VAL B 60 -8.70 31.96 2.94
CA VAL B 60 -8.44 31.81 1.51
C VAL B 60 -8.10 33.15 0.90
N SER B 61 -8.76 34.22 1.37
CA SER B 61 -8.47 35.55 0.83
C SER B 61 -7.06 35.98 1.20
N PHE B 62 -6.60 35.64 2.41
CA PHE B 62 -5.25 35.97 2.83
C PHE B 62 -4.20 35.24 2.03
N LEU B 63 -4.52 34.09 1.43
CA LEU B 63 -3.56 33.40 0.57
C LEU B 63 -3.07 34.28 -0.57
N GLY B 64 -3.92 35.19 -1.07
CA GLY B 64 -3.55 36.07 -2.16
C GLY B 64 -2.87 37.38 -1.77
N LYS B 65 -2.60 37.61 -0.47
CA LYS B 65 -2.00 38.86 -0.01
C LYS B 65 -0.50 38.81 -0.29
N THR B 66 -0.15 39.09 -1.55
CA THR B 66 1.23 38.94 -2.01
C THR B 66 2.19 39.85 -1.26
N ASP B 67 1.72 41.02 -0.80
CA ASP B 67 2.66 41.91 -0.13
C ASP B 67 2.67 41.78 1.38
N CYS B 68 1.98 40.79 1.93
CA CYS B 68 2.09 40.44 3.36
C CYS B 68 2.38 38.94 3.46
N SER B 69 3.61 38.56 3.16
CA SER B 69 3.94 37.13 3.10
C SER B 69 3.69 36.38 4.41
N PRO B 70 3.84 36.97 5.61
CA PRO B 70 3.51 36.18 6.80
C PRO B 70 2.04 35.79 6.94
N ILE B 71 1.11 36.64 6.50
CA ILE B 71 -0.28 36.21 6.62
C ILE B 71 -0.61 35.15 5.58
N GLN B 72 0.13 35.11 4.47
CA GLN B 72 0.00 33.99 3.53
C GLN B 72 0.42 32.68 4.20
N PHE B 73 1.57 32.68 4.89
CA PHE B 73 2.05 31.49 5.58
C PHE B 73 1.08 31.05 6.68
N GLU B 74 0.64 32.00 7.52
CA GLU B 74 -0.21 31.67 8.67
C GLU B 74 -1.56 31.11 8.22
N SER B 75 -2.17 31.73 7.21
CA SER B 75 -3.45 31.19 6.76
C SER B 75 -3.25 29.89 5.98
N ALA B 76 -2.14 29.76 5.26
CA ALA B 76 -1.82 28.50 4.59
C ALA B 76 -1.70 27.38 5.61
N TRP B 77 -0.97 27.63 6.69
CA TRP B 77 -0.84 26.65 7.76
C TRP B 77 -2.18 26.37 8.42
N ALA B 78 -2.96 27.42 8.71
CA ALA B 78 -4.28 27.21 9.30
C ALA B 78 -5.15 26.34 8.40
N LEU B 79 -5.16 26.64 7.10
CA LEU B 79 -6.01 25.87 6.18
C LEU B 79 -5.47 24.46 6.03
N THR B 80 -4.15 24.29 6.00
CA THR B 80 -3.56 22.96 6.00
C THR B 80 -4.15 22.09 7.10
N ASN B 81 -4.31 22.66 8.30
CA ASN B 81 -4.76 21.84 9.42
C ASN B 81 -6.26 21.66 9.46
N ILE B 82 -7.04 22.57 8.89
CA ILE B 82 -8.44 22.24 8.67
C ILE B 82 -8.57 21.13 7.64
N ALA B 83 -7.79 21.22 6.55
CA ALA B 83 -7.85 20.19 5.51
C ALA B 83 -7.33 18.83 5.99
N SER B 84 -6.61 18.78 7.12
CA SER B 84 -6.13 17.50 7.63
C SER B 84 -7.19 16.68 8.32
N GLY B 85 -8.41 17.20 8.52
CA GLY B 85 -9.44 16.51 9.28
C GLY B 85 -10.37 15.61 8.47
N THR B 86 -11.65 15.56 8.84
CA THR B 86 -12.63 14.74 8.11
C THR B 86 -12.78 15.20 6.66
N SER B 87 -13.37 14.32 5.85
CA SER B 87 -13.82 14.70 4.51
C SER B 87 -14.65 15.97 4.53
N GLU B 88 -15.61 16.07 5.47
CA GLU B 88 -16.41 17.28 5.57
C GLU B 88 -15.55 18.51 5.83
N GLN B 89 -14.50 18.36 6.66
CA GLN B 89 -13.65 19.51 6.97
C GLN B 89 -12.75 19.85 5.79
N THR B 90 -12.19 18.84 5.13
CA THR B 90 -11.46 19.08 3.89
C THR B 90 -12.35 19.76 2.85
N LYS B 91 -13.60 19.29 2.72
CA LYS B 91 -14.51 19.86 1.73
C LYS B 91 -14.77 21.33 2.04
N ALA B 92 -14.83 21.71 3.33
CA ALA B 92 -15.00 23.12 3.68
C ALA B 92 -13.84 23.96 3.14
N VAL B 93 -12.61 23.43 3.19
CA VAL B 93 -11.48 24.19 2.66
C VAL B 93 -11.62 24.35 1.15
N VAL B 94 -11.98 23.26 0.46
CA VAL B 94 -12.11 23.28 -1.00
C VAL B 94 -13.24 24.22 -1.42
N ASP B 95 -14.37 24.19 -0.70
CA ASP B 95 -15.50 25.04 -1.06
C ASP B 95 -15.19 26.52 -0.91
N GLY B 96 -14.23 26.87 -0.06
CA GLY B 96 -13.74 28.25 0.02
C GLY B 96 -12.83 28.68 -1.11
N GLY B 97 -12.65 27.83 -2.13
CA GLY B 97 -11.77 28.17 -3.24
C GLY B 97 -10.28 28.05 -2.96
N ALA B 98 -9.89 27.25 -1.96
CA ALA B 98 -8.47 27.17 -1.60
C ALA B 98 -7.61 26.54 -2.69
N ILE B 99 -8.16 25.62 -3.49
CA ILE B 99 -7.33 24.84 -4.42
C ILE B 99 -6.59 25.76 -5.38
N PRO B 100 -7.26 26.63 -6.18
CA PRO B 100 -6.46 27.50 -7.08
C PRO B 100 -5.57 28.49 -6.33
N ALA B 101 -5.93 28.87 -5.12
CA ALA B 101 -5.09 29.81 -4.37
C ALA B 101 -3.82 29.12 -3.86
N PHE B 102 -3.92 27.86 -3.46
CA PHE B 102 -2.72 27.11 -3.08
C PHE B 102 -1.81 26.84 -4.28
N ILE B 103 -2.40 26.60 -5.45
CA ILE B 103 -1.59 26.32 -6.63
C ILE B 103 -0.84 27.57 -7.06
N SER B 104 -1.49 28.75 -6.94
CA SER B 104 -0.78 30.02 -7.15
C SER B 104 0.36 30.21 -6.15
N LEU B 105 0.24 29.64 -4.97
CA LEU B 105 1.30 29.80 -3.99
C LEU B 105 2.49 28.88 -4.24
N LEU B 106 2.35 27.84 -5.07
CA LEU B 106 3.48 26.93 -5.30
C LEU B 106 4.69 27.68 -5.86
N ALA B 107 4.45 28.76 -6.60
CA ALA B 107 5.50 29.53 -7.24
C ALA B 107 6.05 30.65 -6.37
N SER B 108 5.71 30.66 -5.08
CA SER B 108 6.13 31.75 -4.21
C SER B 108 7.64 31.79 -4.05
N PRO B 109 8.23 32.98 -3.93
CA PRO B 109 9.67 33.06 -3.68
C PRO B 109 10.07 32.68 -2.26
N HIS B 110 9.09 32.52 -1.36
CA HIS B 110 9.34 32.09 0.01
C HIS B 110 9.17 30.57 0.07
N ALA B 111 10.29 29.87 0.26
CA ALA B 111 10.25 28.41 0.21
C ALA B 111 9.28 27.86 1.26
N HIS B 112 9.22 28.49 2.44
CA HIS B 112 8.34 27.96 3.48
C HIS B 112 6.86 28.17 3.13
N ILE B 113 6.55 29.14 2.30
CA ILE B 113 5.16 29.34 1.89
C ILE B 113 4.77 28.35 0.81
N SER B 114 5.65 28.16 -0.18
CA SER B 114 5.44 27.15 -1.21
C SER B 114 5.28 25.77 -0.58
N GLU B 115 6.21 25.40 0.31
CA GLU B 115 6.13 24.11 0.99
C GLU B 115 4.78 23.93 1.68
N GLN B 116 4.24 25.00 2.25
CA GLN B 116 2.96 24.90 2.96
C GLN B 116 1.81 24.72 1.98
N ALA B 117 1.90 25.33 0.81
CA ALA B 117 0.90 25.09 -0.22
C ALA B 117 1.00 23.66 -0.74
N VAL B 118 2.22 23.15 -0.91
CA VAL B 118 2.42 21.73 -1.25
C VAL B 118 1.71 20.84 -0.24
N TRP B 119 1.95 21.09 1.05
CA TRP B 119 1.35 20.29 2.12
C TRP B 119 -0.17 20.36 2.07
N ALA B 120 -0.74 21.56 1.97
CA ALA B 120 -2.20 21.68 1.97
C ALA B 120 -2.82 20.92 0.80
N LEU B 121 -2.19 21.01 -0.38
CA LEU B 121 -2.68 20.26 -1.53
C LEU B 121 -2.55 18.75 -1.31
N GLY B 122 -1.50 18.31 -0.59
CA GLY B 122 -1.40 16.91 -0.21
C GLY B 122 -2.57 16.45 0.64
N ASN B 123 -3.00 17.27 1.61
CA ASN B 123 -4.17 16.93 2.43
C ASN B 123 -5.44 16.89 1.61
N ILE B 124 -5.61 17.83 0.69
CA ILE B 124 -6.83 17.86 -0.12
C ILE B 124 -6.85 16.67 -1.06
N ALA B 125 -5.77 16.47 -1.80
CA ALA B 125 -5.70 15.32 -2.69
C ALA B 125 -5.85 14.02 -1.92
N GLY B 126 -5.26 13.96 -0.72
CA GLY B 126 -5.36 12.78 0.13
C GLY B 126 -6.78 12.43 0.56
N ASP B 127 -7.75 13.34 0.47
CA ASP B 127 -9.05 12.98 0.97
C ASP B 127 -9.72 11.91 0.11
N GLY B 128 -9.35 11.78 -1.16
CA GLY B 128 -10.06 10.87 -2.04
C GLY B 128 -9.88 11.24 -3.49
N SER B 129 -10.42 10.37 -4.35
CA SER B 129 -10.13 10.44 -5.78
C SER B 129 -10.80 11.65 -6.45
N ALA B 130 -11.98 12.06 -5.96
CA ALA B 130 -12.65 13.23 -6.55
C ALA B 130 -11.89 14.52 -6.28
N PHE B 131 -11.50 14.76 -5.02
CA PHE B 131 -10.64 15.91 -4.75
C PHE B 131 -9.25 15.74 -5.37
N ARG B 132 -8.73 14.51 -5.42
CA ARG B 132 -7.47 14.26 -6.09
C ARG B 132 -7.54 14.73 -7.54
N ASP B 133 -8.56 14.27 -8.27
CA ASP B 133 -8.73 14.67 -9.67
C ASP B 133 -9.10 16.13 -9.82
N LEU B 134 -9.70 16.74 -8.79
CA LEU B 134 -10.00 18.17 -8.88
C LEU B 134 -8.72 18.99 -8.71
N VAL B 135 -7.83 18.56 -7.80
CA VAL B 135 -6.52 19.21 -7.69
C VAL B 135 -5.79 19.11 -9.02
N ILE B 136 -5.88 17.96 -9.69
CA ILE B 136 -5.23 17.78 -10.99
C ILE B 136 -5.85 18.66 -12.07
N LYS B 137 -7.18 18.78 -12.10
CA LYS B 137 -7.82 19.62 -13.12
C LYS B 137 -7.44 21.10 -12.96
N HIS B 138 -7.27 21.57 -11.73
CA HIS B 138 -6.81 22.93 -11.48
C HIS B 138 -5.35 23.15 -11.87
N GLY B 139 -4.63 22.12 -12.33
CA GLY B 139 -3.30 22.30 -12.88
C GLY B 139 -2.17 22.23 -11.88
N ALA B 140 -2.31 21.43 -10.81
CA ALA B 140 -1.29 21.42 -9.76
C ALA B 140 -0.02 20.69 -10.18
N ILE B 141 -0.12 19.72 -11.09
CA ILE B 141 1.01 18.82 -11.32
C ILE B 141 2.21 19.57 -11.91
N ASP B 142 1.98 20.44 -12.90
CA ASP B 142 3.12 21.15 -13.50
C ASP B 142 3.89 21.99 -12.50
N PRO B 143 3.29 22.88 -11.70
CA PRO B 143 4.08 23.62 -10.70
C PRO B 143 4.72 22.73 -9.64
N LEU B 144 4.06 21.64 -9.23
CA LEU B 144 4.69 20.73 -8.27
C LEU B 144 5.95 20.14 -8.87
N LEU B 145 5.87 19.63 -10.10
CA LEU B 145 7.00 18.97 -10.71
C LEU B 145 8.13 19.95 -11.04
N ALA B 146 7.77 21.21 -11.36
CA ALA B 146 8.78 22.24 -11.63
C ALA B 146 9.65 22.51 -10.41
N LEU B 147 9.06 22.43 -9.20
CA LEU B 147 9.82 22.56 -7.96
C LEU B 147 10.86 21.47 -7.79
N LEU B 148 10.70 20.33 -8.45
CA LEU B 148 11.69 19.25 -8.41
C LEU B 148 12.63 19.27 -9.62
N ALA B 149 12.54 20.29 -10.46
CA ALA B 149 13.37 20.35 -11.67
C ALA B 149 14.71 21.01 -11.34
N VAL B 150 15.52 20.26 -10.61
CA VAL B 150 16.86 20.70 -10.20
C VAL B 150 17.87 19.66 -10.66
N PRO B 151 19.13 20.01 -10.92
CA PRO B 151 20.11 18.99 -11.30
C PRO B 151 20.32 17.91 -10.26
N ASP B 152 20.16 18.23 -8.97
CA ASP B 152 20.44 17.25 -7.91
C ASP B 152 19.52 17.54 -6.72
N LEU B 153 18.70 16.55 -6.37
CA LEU B 153 17.70 16.72 -5.32
C LEU B 153 18.32 17.02 -3.97
N SER B 154 19.59 16.64 -3.79
CA SER B 154 20.28 16.85 -2.52
C SER B 154 20.43 18.34 -2.17
N THR B 155 20.38 19.24 -3.15
CA THR B 155 20.48 20.64 -2.81
C THR B 155 19.18 21.19 -2.24
N LEU B 156 18.09 20.43 -2.31
CA LEU B 156 16.83 20.82 -1.70
C LEU B 156 16.80 20.42 -0.24
N ALA B 157 16.08 21.20 0.56
CA ALA B 157 15.97 20.91 1.98
C ALA B 157 15.17 19.63 2.19
N CYS B 158 15.62 18.83 3.14
CA CYS B 158 15.05 17.51 3.39
C CYS B 158 13.53 17.58 3.56
N GLY B 159 13.05 18.42 4.48
CA GLY B 159 11.62 18.51 4.72
C GLY B 159 10.84 18.94 3.49
N TYR B 160 11.38 19.89 2.74
CA TYR B 160 10.76 20.32 1.49
C TYR B 160 10.62 19.14 0.52
N LEU B 161 11.71 18.42 0.28
CA LEU B 161 11.67 17.26 -0.61
C LEU B 161 10.71 16.18 -0.13
N ARG B 162 10.69 15.91 1.18
CA ARG B 162 9.75 14.92 1.72
C ARG B 162 8.31 15.35 1.49
N ASN B 163 8.05 16.66 1.59
CA ASN B 163 6.69 17.15 1.46
C ASN B 163 6.21 17.05 0.02
N LEU B 164 7.07 17.41 -0.94
CA LEU B 164 6.76 17.23 -2.35
C LEU B 164 6.53 15.75 -2.69
N THR B 165 7.41 14.85 -2.20
CA THR B 165 7.23 13.43 -2.46
C THR B 165 5.89 12.93 -1.89
N TRP B 166 5.59 13.30 -0.64
CA TRP B 166 4.37 12.83 -0.02
C TRP B 166 3.13 13.32 -0.79
N THR B 167 3.14 14.58 -1.25
CA THR B 167 1.97 15.10 -1.94
C THR B 167 1.81 14.48 -3.32
N LEU B 168 2.92 14.26 -4.03
CA LEU B 168 2.84 13.55 -5.31
C LEU B 168 2.27 12.15 -5.12
N SER B 169 2.58 11.49 -3.99
CA SER B 169 2.07 10.14 -3.80
C SER B 169 0.57 10.14 -3.54
N ASN B 170 0.03 11.21 -2.93
CA ASN B 170 -1.43 11.28 -2.81
C ASN B 170 -2.08 11.56 -4.16
N LEU B 171 -1.39 12.25 -5.07
CA LEU B 171 -1.92 12.37 -6.43
C LEU B 171 -1.90 11.05 -7.18
N CYS B 172 -1.09 10.10 -6.74
CA CYS B 172 -1.06 8.77 -7.32
C CYS B 172 -2.04 7.80 -6.68
N ARG B 173 -2.70 8.20 -5.59
CA ARG B 173 -3.16 7.25 -4.60
C ARG B 173 -4.38 6.41 -4.99
N ASN B 174 -5.58 6.96 -4.95
CA ASN B 174 -6.75 6.09 -4.80
C ASN B 174 -7.18 5.41 -6.10
N LYS B 175 -8.34 4.75 -6.08
CA LYS B 175 -8.59 3.73 -7.09
C LYS B 175 -9.96 3.72 -7.74
N ASN B 176 -10.98 4.43 -7.26
CA ASN B 176 -12.26 4.43 -7.98
C ASN B 176 -12.77 5.81 -8.36
N PRO B 177 -12.19 6.41 -9.41
CA PRO B 177 -11.28 5.77 -10.36
C PRO B 177 -9.81 5.99 -10.01
N ALA B 178 -8.95 5.26 -10.71
CA ALA B 178 -7.52 5.49 -10.64
C ALA B 178 -7.22 6.86 -11.24
N PRO B 179 -6.07 7.45 -10.91
CA PRO B 179 -5.74 8.80 -11.42
C PRO B 179 -5.72 8.82 -12.93
N PRO B 180 -5.91 9.99 -13.57
CA PRO B 180 -5.91 10.03 -15.04
C PRO B 180 -4.59 9.49 -15.61
N LEU B 181 -4.72 8.71 -16.69
CA LEU B 181 -3.53 8.11 -17.31
C LEU B 181 -2.46 9.15 -17.64
N ASP B 182 -2.85 10.24 -18.31
CA ASP B 182 -1.89 11.29 -18.66
C ASP B 182 -1.26 11.95 -17.43
N ALA B 183 -1.98 12.04 -16.32
CA ALA B 183 -1.36 12.57 -15.10
C ALA B 183 -0.35 11.59 -14.54
N VAL B 184 -0.68 10.30 -14.57
CA VAL B 184 0.28 9.30 -14.11
C VAL B 184 1.54 9.37 -14.96
N GLU B 185 1.37 9.48 -16.29
CA GLU B 185 2.53 9.54 -17.17
C GLU B 185 3.36 10.78 -16.91
N GLN B 186 2.71 11.87 -16.52
CA GLN B 186 3.42 13.12 -16.26
C GLN B 186 4.28 13.01 -15.00
N ILE B 187 3.76 12.33 -13.98
CA ILE B 187 4.43 12.25 -12.68
C ILE B 187 5.53 11.20 -12.66
N LEU B 188 5.32 10.07 -13.34
CA LEU B 188 6.21 8.91 -13.24
C LEU B 188 7.70 9.22 -13.40
N PRO B 189 8.14 10.01 -14.39
CA PRO B 189 9.59 10.22 -14.54
C PRO B 189 10.22 10.85 -13.31
N THR B 190 9.57 11.84 -12.72
CA THR B 190 10.17 12.43 -11.53
C THR B 190 10.00 11.50 -10.34
N LEU B 191 8.97 10.67 -10.35
CA LEU B 191 8.85 9.63 -9.33
C LEU B 191 10.00 8.62 -9.42
N VAL B 192 10.35 8.19 -10.64
CA VAL B 192 11.50 7.29 -10.81
C VAL B 192 12.76 7.94 -10.21
N ARG B 193 12.92 9.24 -10.41
CA ARG B 193 14.05 9.97 -9.87
C ARG B 193 14.03 10.02 -8.35
N LEU B 194 12.87 10.22 -7.74
CA LEU B 194 12.79 10.23 -6.28
C LEU B 194 13.11 8.85 -5.71
N LEU B 195 12.83 7.79 -6.47
CA LEU B 195 13.09 6.43 -6.03
C LEU B 195 14.58 6.12 -5.90
N HIS B 196 15.45 6.98 -6.46
CA HIS B 196 16.90 6.82 -6.34
C HIS B 196 17.53 7.82 -5.37
N HIS B 197 16.73 8.64 -4.71
CA HIS B 197 17.23 9.62 -3.76
C HIS B 197 17.53 8.93 -2.44
N ASN B 198 18.62 9.31 -1.78
CA ASN B 198 18.97 8.70 -0.50
C ASN B 198 18.47 9.61 0.62
N ASP B 199 17.21 9.39 1.02
CA ASP B 199 16.56 9.82 2.25
C ASP B 199 15.49 8.78 2.57
N PRO B 200 15.53 8.18 3.75
CA PRO B 200 14.58 7.08 4.04
C PRO B 200 13.12 7.44 3.80
N GLU B 201 12.72 8.69 4.08
CA GLU B 201 11.30 9.03 3.97
C GLU B 201 10.89 9.27 2.52
N VAL B 202 11.70 9.97 1.74
CA VAL B 202 11.42 10.13 0.32
C VAL B 202 11.30 8.76 -0.33
N LEU B 203 12.21 7.82 0.02
CA LEU B 203 12.17 6.47 -0.55
C LEU B 203 10.88 5.75 -0.18
N ALA B 204 10.49 5.83 1.09
CA ALA B 204 9.27 5.16 1.53
C ALA B 204 8.04 5.72 0.80
N ASP B 205 7.96 7.04 0.68
CA ASP B 205 6.79 7.61 0.02
C ASP B 205 6.82 7.38 -1.49
N SER B 206 8.02 7.29 -2.08
CA SER B 206 8.12 6.94 -3.48
C SER B 206 7.66 5.50 -3.72
N CYS B 207 8.03 4.58 -2.81
CA CYS B 207 7.54 3.21 -2.89
C CYS B 207 6.03 3.16 -2.71
N TRP B 208 5.48 3.99 -1.81
CA TRP B 208 4.02 4.04 -1.67
C TRP B 208 3.36 4.48 -2.97
N ALA B 209 3.83 5.59 -3.55
CA ALA B 209 3.31 6.04 -4.84
C ALA B 209 3.33 4.91 -5.87
N ILE B 210 4.48 4.22 -6.01
CA ILE B 210 4.57 3.13 -6.98
C ILE B 210 3.58 2.03 -6.62
N SER B 211 3.42 1.77 -5.32
CA SER B 211 2.47 0.75 -4.89
C SER B 211 1.03 1.11 -5.29
N TYR B 212 0.65 2.39 -5.16
CA TYR B 212 -0.68 2.81 -5.62
C TYR B 212 -0.83 2.60 -7.12
N LEU B 213 0.18 3.03 -7.88
CA LEU B 213 0.09 2.98 -9.34
C LEU B 213 0.02 1.55 -9.86
N THR B 214 0.61 0.57 -9.16
CA THR B 214 0.58 -0.81 -9.64
C THR B 214 -0.59 -1.62 -9.08
N ASP B 215 -1.45 -0.99 -8.28
CA ASP B 215 -2.64 -1.63 -7.70
C ASP B 215 -3.83 -1.37 -8.63
N GLY B 216 -3.94 -2.19 -9.66
CA GLY B 216 -5.01 -2.07 -10.65
C GLY B 216 -4.85 -3.06 -11.79
N PRO B 217 -5.44 -2.75 -12.94
CA PRO B 217 -5.32 -3.62 -14.12
C PRO B 217 -3.90 -3.65 -14.68
N ASN B 218 -3.66 -4.64 -15.55
CA ASN B 218 -2.31 -4.93 -16.01
C ASN B 218 -1.71 -3.77 -16.82
N GLU B 219 -2.55 -3.02 -17.52
CA GLU B 219 -2.06 -1.85 -18.25
C GLU B 219 -1.45 -0.81 -17.31
N ARG B 220 -1.95 -0.74 -16.07
CA ARG B 220 -1.38 0.18 -15.10
C ARG B 220 -0.05 -0.33 -14.55
N ILE B 221 0.04 -1.63 -14.26
CA ILE B 221 1.32 -2.24 -13.90
C ILE B 221 2.36 -1.97 -14.99
N GLU B 222 1.96 -2.10 -16.27
CA GLU B 222 2.92 -1.96 -17.37
C GLU B 222 3.46 -0.53 -17.46
N MET B 223 2.62 0.47 -17.22
CA MET B 223 3.09 1.85 -17.18
C MET B 223 4.29 1.99 -16.26
N VAL B 224 4.22 1.38 -15.09
CA VAL B 224 5.29 1.46 -14.13
C VAL B 224 6.46 0.57 -14.56
N VAL B 225 6.18 -0.69 -14.90
CA VAL B 225 7.25 -1.66 -15.16
C VAL B 225 8.12 -1.20 -16.33
N LYS B 226 7.54 -0.53 -17.33
CA LYS B 226 8.34 -0.12 -18.47
C LYS B 226 9.24 1.08 -18.17
N LYS B 227 9.06 1.76 -17.02
CA LYS B 227 9.99 2.79 -16.59
C LYS B 227 11.26 2.22 -15.95
N GLY B 228 11.36 0.89 -15.81
CA GLY B 228 12.58 0.26 -15.34
C GLY B 228 12.77 0.24 -13.85
N VAL B 229 11.72 0.46 -13.05
CA VAL B 229 11.89 0.58 -11.61
C VAL B 229 12.01 -0.75 -10.87
N VAL B 230 11.74 -1.89 -11.53
CA VAL B 230 11.68 -3.16 -10.80
C VAL B 230 12.99 -3.49 -10.08
N PRO B 231 14.17 -3.40 -10.72
CA PRO B 231 15.40 -3.64 -9.94
C PRO B 231 15.55 -2.71 -8.74
N GLN B 232 15.16 -1.45 -8.85
CA GLN B 232 15.30 -0.55 -7.72
C GLN B 232 14.31 -0.91 -6.61
N LEU B 233 13.09 -1.31 -6.99
CA LEU B 233 12.14 -1.82 -6.00
C LEU B 233 12.71 -3.05 -5.28
N VAL B 234 13.38 -3.94 -6.01
CA VAL B 234 13.95 -5.13 -5.38
C VAL B 234 15.07 -4.74 -4.44
N LYS B 235 15.90 -3.77 -4.84
CA LYS B 235 16.93 -3.27 -3.91
C LYS B 235 16.30 -2.71 -2.64
N LEU B 236 15.27 -1.86 -2.81
CA LEU B 236 14.61 -1.27 -1.64
C LEU B 236 13.96 -2.35 -0.79
N LEU B 237 13.54 -3.46 -1.41
CA LEU B 237 12.99 -4.60 -0.70
C LEU B 237 13.97 -5.15 0.34
N GLY B 238 15.27 -4.99 0.10
CA GLY B 238 16.24 -5.46 1.08
C GLY B 238 16.73 -4.38 2.02
N ALA B 239 15.97 -3.29 2.15
CA ALA B 239 16.37 -2.22 3.07
C ALA B 239 16.20 -2.68 4.50
N THR B 240 16.96 -2.06 5.40
CA THR B 240 16.78 -2.34 6.81
C THR B 240 15.62 -1.56 7.41
N GLU B 241 15.21 -0.45 6.78
CA GLU B 241 14.10 0.36 7.27
C GLU B 241 12.77 -0.31 6.91
N LEU B 242 12.08 -0.79 7.94
CA LEU B 242 10.72 -1.29 7.76
C LEU B 242 9.78 -0.31 7.06
N PRO B 243 9.81 1.01 7.29
CA PRO B 243 8.96 1.90 6.50
C PRO B 243 9.28 1.89 5.02
N ILE B 244 10.43 1.36 4.63
CA ILE B 244 10.73 1.22 3.21
C ILE B 244 10.32 -0.13 2.68
N VAL B 245 10.64 -1.23 3.39
CA VAL B 245 10.35 -2.54 2.80
C VAL B 245 8.85 -2.72 2.68
N THR B 246 8.06 -2.18 3.62
CA THR B 246 6.60 -2.37 3.57
C THR B 246 6.01 -1.90 2.25
N PRO B 247 6.21 -0.65 1.82
CA PRO B 247 5.66 -0.26 0.50
C PRO B 247 6.42 -0.88 -0.66
N ALA B 248 7.73 -1.13 -0.51
CA ALA B 248 8.48 -1.79 -1.59
C ALA B 248 7.90 -3.17 -1.86
N LEU B 249 7.62 -3.93 -0.79
CA LEU B 249 7.03 -5.26 -0.94
C LEU B 249 5.62 -5.19 -1.51
N ARG B 250 4.82 -4.23 -1.03
CA ARG B 250 3.47 -4.05 -1.59
C ARG B 250 3.53 -3.81 -3.10
N ALA B 251 4.50 -3.01 -3.56
CA ALA B 251 4.62 -2.75 -5.00
C ALA B 251 4.99 -4.02 -5.74
N ILE B 252 6.03 -4.72 -5.26
CA ILE B 252 6.43 -6.00 -5.86
C ILE B 252 5.26 -6.96 -5.88
N GLY B 253 4.53 -7.08 -4.75
CA GLY B 253 3.38 -7.96 -4.71
C GLY B 253 2.31 -7.57 -5.71
N ASN B 254 2.10 -6.26 -5.91
CA ASN B 254 1.15 -5.82 -6.92
C ASN B 254 1.60 -6.19 -8.32
N ILE B 255 2.89 -6.02 -8.62
CA ILE B 255 3.39 -6.27 -9.97
C ILE B 255 3.21 -7.74 -10.35
N VAL B 256 3.41 -8.66 -9.39
CA VAL B 256 3.31 -10.08 -9.73
C VAL B 256 1.86 -10.56 -9.81
N THR B 257 0.89 -9.67 -9.62
CA THR B 257 -0.50 -10.00 -9.95
C THR B 257 -0.80 -9.83 -11.44
N GLY B 258 0.11 -9.20 -12.19
CA GLY B 258 -0.07 -9.00 -13.62
C GLY B 258 0.26 -10.23 -14.46
N THR B 259 0.74 -9.97 -15.68
CA THR B 259 1.03 -11.06 -16.61
C THR B 259 2.20 -11.89 -16.10
N ASP B 260 2.40 -13.05 -16.75
CA ASP B 260 3.60 -13.85 -16.49
C ASP B 260 4.85 -13.09 -16.84
N GLU B 261 4.80 -12.28 -17.90
CA GLU B 261 5.97 -11.50 -18.33
C GLU B 261 6.33 -10.42 -17.31
N GLN B 262 5.32 -9.75 -16.74
CA GLN B 262 5.60 -8.74 -15.73
C GLN B 262 6.11 -9.39 -14.45
N THR B 263 5.58 -10.57 -14.11
CA THR B 263 6.10 -11.32 -12.98
C THR B 263 7.57 -11.68 -13.19
N GLN B 264 7.94 -12.05 -14.42
CA GLN B 264 9.29 -12.50 -14.73
C GLN B 264 10.34 -11.42 -14.52
N LYS B 265 9.97 -10.15 -14.73
CA LYS B 265 10.91 -9.07 -14.49
C LYS B 265 11.25 -8.97 -13.00
N VAL B 266 10.26 -9.22 -12.15
CA VAL B 266 10.50 -9.29 -10.72
C VAL B 266 11.48 -10.41 -10.41
N ILE B 267 11.32 -11.57 -11.04
CA ILE B 267 12.24 -12.68 -10.83
C ILE B 267 13.62 -12.36 -11.42
N ASP B 268 13.63 -11.85 -12.66
CA ASP B 268 14.89 -11.46 -13.30
C ASP B 268 15.67 -10.48 -12.44
N ALA B 269 14.96 -9.55 -11.78
CA ALA B 269 15.58 -8.54 -10.94
C ALA B 269 16.19 -9.12 -9.66
N GLY B 270 16.04 -10.41 -9.39
CA GLY B 270 16.63 -11.02 -8.22
C GLY B 270 15.77 -11.07 -6.98
N ALA B 271 14.46 -10.84 -7.13
CA ALA B 271 13.62 -10.66 -5.94
C ALA B 271 13.53 -11.91 -5.08
N LEU B 272 13.65 -13.10 -5.67
CA LEU B 272 13.43 -14.30 -4.88
C LEU B 272 14.52 -14.52 -3.84
N ALA B 273 15.69 -13.89 -3.99
CA ALA B 273 16.74 -14.08 -3.02
C ALA B 273 16.46 -13.36 -1.71
N VAL B 274 15.57 -12.37 -1.72
CA VAL B 274 15.19 -11.67 -0.49
C VAL B 274 14.15 -12.46 0.30
N PHE B 275 13.47 -13.41 -0.33
CA PHE B 275 12.34 -14.05 0.34
C PHE B 275 12.69 -14.96 1.51
N PRO B 276 13.87 -15.60 1.59
CA PRO B 276 14.18 -16.32 2.83
C PRO B 276 14.03 -15.43 4.06
N SER B 277 14.50 -14.19 4.00
CA SER B 277 14.34 -13.36 5.18
C SER B 277 12.92 -12.78 5.26
N LEU B 278 12.27 -12.51 4.12
CA LEU B 278 10.91 -11.95 4.15
C LEU B 278 9.91 -12.95 4.70
N LEU B 279 10.04 -14.22 4.34
CA LEU B 279 9.11 -15.25 4.83
C LEU B 279 9.39 -15.66 6.26
N THR B 280 10.46 -15.15 6.88
CA THR B 280 10.72 -15.34 8.31
C THR B 280 10.77 -14.00 9.05
N ASN B 281 10.28 -12.93 8.43
CA ASN B 281 10.38 -11.61 9.01
C ASN B 281 9.53 -11.51 10.27
N PRO B 282 10.05 -10.91 11.35
CA PRO B 282 9.28 -10.86 12.60
C PRO B 282 8.05 -9.93 12.56
N LYS B 283 7.98 -8.97 11.63
CA LYS B 283 6.76 -8.19 11.44
C LYS B 283 5.78 -9.05 10.67
N THR B 284 4.65 -9.41 11.31
CA THR B 284 3.75 -10.36 10.68
C THR B 284 3.14 -9.85 9.39
N ASN B 285 3.02 -8.52 9.22
CA ASN B 285 2.47 -8.00 7.98
C ASN B 285 3.42 -8.22 6.80
N ILE B 286 4.74 -8.08 7.02
CA ILE B 286 5.70 -8.34 5.97
C ILE B 286 5.61 -9.80 5.54
N GLN B 287 5.49 -10.68 6.52
CA GLN B 287 5.44 -12.12 6.28
C GLN B 287 4.13 -12.53 5.63
N LYS B 288 3.02 -11.85 5.96
CA LYS B 288 1.76 -12.10 5.28
C LYS B 288 1.84 -11.68 3.81
N GLU B 289 2.35 -10.47 3.55
CA GLU B 289 2.42 -9.96 2.18
C GLU B 289 3.46 -10.67 1.35
N ALA B 290 4.57 -11.09 1.97
CA ALA B 290 5.57 -11.89 1.25
C ALA B 290 4.99 -13.24 0.84
N THR B 291 4.16 -13.85 1.68
CA THR B 291 3.55 -15.13 1.34
C THR B 291 2.47 -14.96 0.26
N TRP B 292 1.69 -13.87 0.33
CA TRP B 292 0.74 -13.54 -0.72
C TRP B 292 1.45 -13.35 -2.06
N THR B 293 2.53 -12.56 -2.05
CA THR B 293 3.40 -12.41 -3.22
C THR B 293 3.88 -13.77 -3.73
N MET B 294 4.26 -14.67 -2.83
CA MET B 294 4.68 -16.01 -3.26
C MET B 294 3.54 -16.75 -3.93
N SER B 295 2.31 -16.58 -3.44
CA SER B 295 1.20 -17.31 -4.02
C SER B 295 0.89 -16.84 -5.43
N ASN B 296 1.22 -15.60 -5.77
CA ASN B 296 1.05 -15.15 -7.14
C ASN B 296 2.23 -15.51 -8.03
N ILE B 297 3.39 -15.81 -7.45
CA ILE B 297 4.47 -16.38 -8.25
C ILE B 297 4.25 -17.86 -8.49
N THR B 298 3.78 -18.60 -7.48
CA THR B 298 3.51 -20.01 -7.75
C THR B 298 2.29 -20.20 -8.66
N ALA B 299 1.53 -19.14 -8.92
CA ALA B 299 0.49 -19.20 -9.95
C ALA B 299 1.04 -18.94 -11.35
N GLY B 300 2.35 -18.83 -11.52
CA GLY B 300 2.96 -18.53 -12.79
C GLY B 300 3.26 -19.77 -13.61
N ARG B 301 4.21 -19.61 -14.54
CA ARG B 301 4.64 -20.71 -15.39
C ARG B 301 5.51 -21.71 -14.61
N GLN B 302 5.69 -22.89 -15.21
CA GLN B 302 6.49 -23.92 -14.58
C GLN B 302 7.95 -23.52 -14.43
N ASP B 303 8.48 -22.73 -15.38
CA ASP B 303 9.83 -22.20 -15.24
C ASP B 303 9.90 -21.20 -14.10
N GLN B 304 8.77 -20.54 -13.80
CA GLN B 304 8.73 -19.63 -12.66
C GLN B 304 8.60 -20.39 -11.36
N ILE B 305 7.75 -21.44 -11.34
CA ILE B 305 7.71 -22.35 -10.19
C ILE B 305 9.08 -22.98 -9.97
N GLN B 306 9.80 -23.26 -11.06
CA GLN B 306 11.12 -23.87 -10.92
C GLN B 306 12.09 -22.93 -10.25
N GLN B 307 12.01 -21.63 -10.57
CA GLN B 307 12.86 -20.64 -9.91
C GLN B 307 12.58 -20.57 -8.41
N VAL B 308 11.32 -20.78 -8.01
CA VAL B 308 10.99 -20.80 -6.58
C VAL B 308 11.71 -21.97 -5.91
N VAL B 309 11.68 -23.13 -6.58
CA VAL B 309 12.38 -24.32 -6.10
C VAL B 309 13.87 -24.04 -5.97
N ASN B 310 14.49 -23.52 -7.04
CA ASN B 310 15.94 -23.35 -7.05
C ASN B 310 16.41 -22.43 -5.93
N HIS B 311 15.66 -21.35 -5.67
CA HIS B 311 16.00 -20.44 -4.58
C HIS B 311 15.75 -21.05 -3.21
N GLY B 312 15.32 -22.31 -3.15
CA GLY B 312 15.06 -22.97 -1.89
C GLY B 312 13.87 -22.42 -1.12
N LEU B 313 12.85 -21.89 -1.81
CA LEU B 313 11.73 -21.25 -1.15
C LEU B 313 10.63 -22.22 -0.72
N VAL B 314 10.67 -23.47 -1.18
CA VAL B 314 9.64 -24.43 -0.81
C VAL B 314 9.81 -24.80 0.67
N PRO B 315 11.01 -25.06 1.22
CA PRO B 315 11.11 -25.22 2.68
C PRO B 315 10.62 -24.00 3.44
N PHE B 316 10.76 -22.80 2.88
CA PHE B 316 10.27 -21.61 3.56
C PHE B 316 8.74 -21.56 3.56
N LEU B 317 8.11 -22.05 2.48
CA LEU B 317 6.65 -22.16 2.48
C LEU B 317 6.18 -23.24 3.46
N VAL B 318 6.88 -24.37 3.52
CA VAL B 318 6.59 -25.39 4.53
C VAL B 318 6.67 -24.78 5.93
N GLY B 319 7.65 -23.91 6.15
CA GLY B 319 7.79 -23.28 7.45
C GLY B 319 6.61 -22.39 7.80
N VAL B 320 6.22 -21.52 6.87
CA VAL B 320 5.08 -20.63 7.08
C VAL B 320 3.79 -21.44 7.28
N LEU B 321 3.63 -22.52 6.51
CA LEU B 321 2.46 -23.38 6.71
C LEU B 321 2.46 -24.01 8.10
N SER B 322 3.64 -24.36 8.61
CA SER B 322 3.75 -25.07 9.88
C SER B 322 3.50 -24.16 11.08
N LYS B 323 3.95 -22.93 11.02
CA LYS B 323 3.87 -22.03 12.16
C LYS B 323 3.94 -20.61 11.62
N ALA B 324 2.88 -19.84 11.84
CA ALA B 324 2.83 -18.46 11.39
C ALA B 324 1.50 -17.92 11.87
N ASP B 325 1.34 -16.60 11.75
CA ASP B 325 0.02 -16.03 11.89
C ASP B 325 -0.97 -16.79 11.00
N PHE B 326 -2.16 -17.03 11.55
CA PHE B 326 -3.16 -17.87 10.91
C PHE B 326 -3.53 -17.32 9.52
N LYS B 327 -3.70 -16.00 9.41
CA LYS B 327 -3.90 -15.40 8.09
C LYS B 327 -2.71 -15.67 7.16
N THR B 328 -1.48 -15.65 7.70
CA THR B 328 -0.31 -15.93 6.87
C THR B 328 -0.31 -17.38 6.39
N GLN B 329 -0.74 -18.31 7.24
CA GLN B 329 -0.84 -19.70 6.85
C GLN B 329 -1.80 -19.92 5.68
N LYS B 330 -2.84 -19.07 5.55
CA LYS B 330 -3.73 -19.13 4.38
C LYS B 330 -3.00 -18.81 3.11
N GLU B 331 -2.36 -17.65 3.10
CA GLU B 331 -1.58 -17.26 1.94
C GLU B 331 -0.64 -18.39 1.55
N ALA B 332 -0.05 -19.07 2.54
CA ALA B 332 0.82 -20.20 2.23
C ALA B 332 0.02 -21.36 1.65
N ALA B 333 -1.19 -21.59 2.17
CA ALA B 333 -2.06 -22.60 1.57
C ALA B 333 -2.37 -22.25 0.11
N TRP B 334 -2.66 -20.98 -0.16
CA TRP B 334 -2.87 -20.54 -1.55
C TRP B 334 -1.63 -20.76 -2.39
N ALA B 335 -0.48 -20.29 -1.89
CA ALA B 335 0.80 -20.52 -2.58
C ALA B 335 0.98 -21.98 -2.95
N ILE B 336 0.61 -22.89 -2.03
CA ILE B 336 0.76 -24.31 -2.30
C ILE B 336 -0.24 -24.79 -3.36
N THR B 337 -1.51 -24.40 -3.23
CA THR B 337 -2.51 -24.90 -4.17
C THR B 337 -2.25 -24.41 -5.59
N ASN B 338 -1.81 -23.16 -5.74
CA ASN B 338 -1.45 -22.67 -7.08
C ASN B 338 -0.21 -23.38 -7.61
N TYR B 339 0.79 -23.59 -6.76
CA TYR B 339 1.92 -24.45 -7.10
C TYR B 339 1.45 -25.81 -7.62
N THR B 340 0.56 -26.48 -6.87
CA THR B 340 0.09 -27.79 -7.31
C THR B 340 -0.67 -27.70 -8.62
N SER B 341 -1.32 -26.56 -8.89
CA SER B 341 -2.08 -26.39 -10.13
C SER B 341 -1.17 -26.29 -11.35
N GLY B 342 -0.08 -25.53 -11.25
CA GLY B 342 0.75 -25.24 -12.40
C GLY B 342 1.99 -26.10 -12.58
N GLY B 343 2.44 -26.76 -11.49
CA GLY B 343 3.72 -27.43 -11.50
C GLY B 343 3.74 -28.72 -12.29
N THR B 344 4.95 -29.12 -12.69
CA THR B 344 5.20 -30.45 -13.21
C THR B 344 5.07 -31.48 -12.09
N VAL B 345 4.98 -32.76 -12.48
CA VAL B 345 4.89 -33.81 -11.47
C VAL B 345 6.13 -33.81 -10.58
N GLU B 346 7.32 -33.59 -11.16
CA GLU B 346 8.55 -33.61 -10.36
C GLU B 346 8.55 -32.48 -9.36
N GLN B 347 8.07 -31.30 -9.78
CA GLN B 347 7.93 -30.18 -8.85
C GLN B 347 6.87 -30.48 -7.78
N ILE B 348 5.82 -31.22 -8.12
CA ILE B 348 4.76 -31.47 -7.14
C ILE B 348 5.22 -32.49 -6.10
N VAL B 349 5.86 -33.59 -6.52
CA VAL B 349 6.30 -34.58 -5.53
C VAL B 349 7.43 -34.00 -4.69
N TYR B 350 8.18 -33.04 -5.21
CA TYR B 350 9.19 -32.35 -4.42
C TYR B 350 8.56 -31.66 -3.20
N LEU B 351 7.33 -31.15 -3.32
CA LEU B 351 6.63 -30.60 -2.17
C LEU B 351 6.54 -31.64 -1.04
N VAL B 352 6.15 -32.86 -1.40
CA VAL B 352 6.05 -33.93 -0.41
C VAL B 352 7.42 -34.21 0.20
N HIS B 353 8.48 -34.18 -0.60
CA HIS B 353 9.80 -34.43 -0.05
C HIS B 353 10.23 -33.34 0.92
N CYS B 354 9.72 -32.12 0.76
CA CYS B 354 10.05 -31.04 1.69
C CYS B 354 9.20 -31.04 2.95
N GLY B 355 8.21 -31.93 3.06
CA GLY B 355 7.38 -32.00 4.24
C GLY B 355 6.08 -31.23 4.17
N ILE B 356 5.50 -31.05 2.98
CA ILE B 356 4.31 -30.20 2.87
C ILE B 356 3.10 -30.90 3.47
N ILE B 357 3.08 -32.24 3.49
CA ILE B 357 1.84 -32.97 3.75
C ILE B 357 1.36 -32.73 5.19
N GLU B 358 2.25 -32.90 6.17
CA GLU B 358 1.79 -32.86 7.55
C GLU B 358 1.33 -31.47 7.99
N PRO B 359 1.99 -30.37 7.63
CA PRO B 359 1.43 -29.06 7.99
C PRO B 359 0.15 -28.73 7.24
N LEU B 360 -0.04 -29.29 6.05
CA LEU B 360 -1.33 -29.17 5.36
C LEU B 360 -2.43 -29.88 6.13
N MET B 361 -2.18 -31.11 6.59
CA MET B 361 -3.18 -31.83 7.37
C MET B 361 -3.50 -31.11 8.67
N ASN B 362 -2.50 -30.50 9.31
CA ASN B 362 -2.74 -29.80 10.56
C ASN B 362 -3.70 -28.64 10.35
N LEU B 363 -3.58 -27.97 9.22
CA LEU B 363 -4.41 -26.83 8.89
C LEU B 363 -5.82 -27.22 8.48
N LEU B 364 -6.07 -28.49 8.20
CA LEU B 364 -7.43 -28.97 7.99
C LEU B 364 -8.28 -28.86 9.24
N SER B 365 -7.66 -28.62 10.40
CA SER B 365 -8.36 -28.45 11.66
C SER B 365 -8.92 -27.05 11.85
N ALA B 366 -8.65 -26.12 10.94
CA ALA B 366 -9.18 -24.77 11.08
C ALA B 366 -10.66 -24.75 10.71
N LYS B 367 -11.30 -23.61 11.00
CA LYS B 367 -12.75 -23.47 10.81
C LYS B 367 -13.11 -22.73 9.52
N ASP B 368 -12.17 -22.05 8.88
CA ASP B 368 -12.45 -21.28 7.67
C ASP B 368 -12.74 -22.23 6.51
N THR B 369 -14.01 -22.27 6.08
CA THR B 369 -14.43 -23.21 5.05
C THR B 369 -13.60 -23.05 3.77
N LYS B 370 -13.18 -21.80 3.46
CA LYS B 370 -12.54 -21.51 2.18
C LYS B 370 -11.24 -22.27 1.98
N ILE B 371 -10.56 -22.68 3.05
CA ILE B 371 -9.25 -23.29 2.90
C ILE B 371 -9.34 -24.79 2.84
N ILE B 372 -10.25 -25.35 3.61
CA ILE B 372 -10.51 -26.78 3.43
C ILE B 372 -10.62 -27.03 1.93
N GLN B 373 -11.28 -26.11 1.20
CA GLN B 373 -11.31 -26.15 -0.25
C GLN B 373 -9.90 -26.08 -0.84
N VAL B 374 -9.19 -24.99 -0.57
CA VAL B 374 -7.82 -24.79 -1.06
C VAL B 374 -6.95 -26.00 -0.76
N ILE B 375 -6.97 -26.45 0.51
CA ILE B 375 -6.11 -27.56 0.94
C ILE B 375 -6.52 -28.85 0.25
N LEU B 376 -7.82 -29.19 0.27
CA LEU B 376 -8.24 -30.44 -0.33
C LEU B 376 -7.98 -30.47 -1.83
N ASP B 377 -8.10 -29.32 -2.49
CA ASP B 377 -7.68 -29.20 -3.88
C ASP B 377 -6.20 -29.57 -4.04
N ALA B 378 -5.34 -29.04 -3.17
CA ALA B 378 -3.90 -29.27 -3.29
C ALA B 378 -3.56 -30.73 -3.12
N ILE B 379 -4.12 -31.38 -2.09
CA ILE B 379 -3.87 -32.81 -1.92
C ILE B 379 -4.48 -33.61 -3.05
N SER B 380 -5.57 -33.13 -3.63
CA SER B 380 -6.10 -33.77 -4.83
C SER B 380 -5.07 -33.71 -5.95
N ASN B 381 -4.49 -32.53 -6.18
CA ASN B 381 -3.47 -32.39 -7.21
C ASN B 381 -2.22 -33.19 -6.92
N ILE B 382 -1.86 -33.35 -5.63
CA ILE B 382 -0.66 -34.08 -5.27
C ILE B 382 -0.87 -35.57 -5.49
N PHE B 383 -2.01 -36.09 -5.03
CA PHE B 383 -2.37 -37.48 -5.32
C PHE B 383 -2.36 -37.74 -6.82
N GLN B 384 -2.92 -36.80 -7.59
CA GLN B 384 -2.99 -36.97 -9.05
C GLN B 384 -1.61 -37.01 -9.69
N ALA B 385 -0.64 -36.27 -9.14
CA ALA B 385 0.70 -36.27 -9.73
C ALA B 385 1.56 -37.43 -9.24
N ALA B 386 1.34 -37.91 -8.01
CA ALA B 386 2.04 -39.11 -7.57
C ALA B 386 1.51 -40.34 -8.28
N GLU B 387 0.23 -40.31 -8.66
CA GLU B 387 -0.38 -41.43 -9.37
C GLU B 387 0.32 -41.69 -10.71
N LYS B 388 0.77 -40.63 -11.39
CA LYS B 388 1.54 -40.78 -12.62
C LYS B 388 2.94 -41.35 -12.39
N LEU B 389 3.28 -41.72 -11.15
CA LEU B 389 4.46 -42.52 -10.85
C LEU B 389 4.14 -43.69 -9.93
N GLY B 390 2.86 -43.99 -9.69
CA GLY B 390 2.44 -45.12 -8.87
C GLY B 390 2.52 -44.90 -7.37
N GLU B 391 3.07 -43.77 -6.92
CA GLU B 391 3.36 -43.51 -5.52
C GLU B 391 2.10 -43.10 -4.74
N THR B 392 0.95 -43.68 -5.11
CA THR B 392 -0.27 -43.32 -4.40
C THR B 392 -0.28 -43.88 -2.99
N GLU B 393 0.19 -45.12 -2.80
CA GLU B 393 0.14 -45.74 -1.48
C GLU B 393 1.00 -45.00 -0.46
N LYS B 394 2.28 -44.80 -0.78
CA LYS B 394 3.18 -44.09 0.12
C LYS B 394 2.57 -42.78 0.63
N LEU B 395 1.88 -42.04 -0.26
CA LEU B 395 1.26 -40.78 0.14
C LEU B 395 0.05 -41.01 1.03
N SER B 396 -0.72 -42.06 0.76
CA SER B 396 -1.90 -42.33 1.57
C SER B 396 -1.52 -42.72 3.00
N ILE B 397 -0.37 -43.36 3.19
CA ILE B 397 0.04 -43.74 4.54
C ILE B 397 0.63 -42.53 5.28
N MET B 398 1.35 -41.66 4.57
CA MET B 398 1.75 -40.38 5.15
C MET B 398 0.55 -39.63 5.71
N ILE B 399 -0.48 -39.47 4.87
CA ILE B 399 -1.67 -38.74 5.29
C ILE B 399 -2.37 -39.48 6.41
N GLU B 400 -2.26 -40.81 6.43
CA GLU B 400 -2.86 -41.61 7.50
C GLU B 400 -2.06 -41.49 8.80
N GLU B 401 -0.73 -41.49 8.71
CA GLU B 401 0.11 -41.52 9.90
C GLU B 401 0.10 -40.20 10.67
N CYS B 402 -0.02 -39.07 9.99
CA CYS B 402 -0.07 -37.78 10.66
C CYS B 402 -1.49 -37.38 11.03
N GLY B 403 -2.41 -38.34 11.11
CA GLY B 403 -3.78 -38.05 11.49
C GLY B 403 -4.54 -37.22 10.49
N GLY B 404 -4.06 -37.13 9.24
CA GLY B 404 -4.78 -36.38 8.23
C GLY B 404 -5.93 -37.16 7.66
N LEU B 405 -5.84 -38.49 7.67
CA LEU B 405 -6.94 -39.33 7.19
C LEU B 405 -8.21 -39.09 8.00
N ASP B 406 -8.09 -39.01 9.32
CA ASP B 406 -9.23 -38.69 10.17
C ASP B 406 -9.87 -37.36 9.75
N LYS B 407 -9.04 -36.34 9.54
CA LYS B 407 -9.55 -35.04 9.13
C LYS B 407 -10.32 -35.14 7.82
N ILE B 408 -9.79 -35.89 6.83
CA ILE B 408 -10.38 -35.87 5.50
C ILE B 408 -11.76 -36.52 5.52
N GLU B 409 -11.93 -37.56 6.33
CA GLU B 409 -13.20 -38.27 6.34
C GLU B 409 -14.19 -37.68 7.33
N ALA B 410 -13.73 -37.18 8.47
CA ALA B 410 -14.60 -36.37 9.32
C ALA B 410 -15.21 -35.22 8.54
N LEU B 411 -14.57 -34.86 7.43
CA LEU B 411 -14.95 -33.69 6.65
C LEU B 411 -16.09 -33.94 5.67
N GLN B 412 -16.45 -35.19 5.37
CA GLN B 412 -17.64 -35.27 4.53
C GLN B 412 -18.94 -35.30 5.32
N ARG B 413 -18.91 -34.86 6.56
CA ARG B 413 -20.11 -34.39 7.25
C ARG B 413 -20.02 -32.90 7.47
N HIS B 414 -19.65 -32.19 6.42
CA HIS B 414 -19.45 -30.75 6.46
C HIS B 414 -20.61 -30.07 5.72
N GLU B 415 -20.87 -28.82 6.08
CA GLU B 415 -22.02 -28.09 5.56
C GLU B 415 -21.81 -27.50 4.17
N ASN B 416 -21.03 -28.17 3.31
CA ASN B 416 -20.65 -27.57 2.04
C ASN B 416 -20.61 -28.65 0.98
N GLU B 417 -21.21 -28.36 -0.18
CA GLU B 417 -21.08 -29.30 -1.29
C GLU B 417 -19.62 -29.49 -1.67
N SER B 418 -18.87 -28.39 -1.77
CA SER B 418 -17.50 -28.50 -2.25
C SER B 418 -16.63 -29.26 -1.26
N VAL B 419 -16.88 -29.08 0.05
CA VAL B 419 -16.01 -29.73 1.02
C VAL B 419 -16.22 -31.23 0.97
N TYR B 420 -17.46 -31.68 1.13
CA TYR B 420 -17.64 -33.12 1.33
C TYR B 420 -17.72 -33.92 0.04
N LYS B 421 -17.80 -33.29 -1.13
CA LYS B 421 -17.64 -34.08 -2.34
C LYS B 421 -16.14 -34.27 -2.65
N ALA B 422 -15.29 -33.34 -2.21
CA ALA B 422 -13.86 -33.54 -2.33
C ALA B 422 -13.35 -34.50 -1.26
N SER B 423 -13.82 -34.32 -0.02
CA SER B 423 -13.52 -35.26 1.06
C SER B 423 -13.80 -36.70 0.63
N LEU B 424 -15.03 -36.97 0.19
CA LEU B 424 -15.45 -38.35 -0.06
C LEU B 424 -14.86 -38.88 -1.35
N ASN B 425 -14.66 -38.01 -2.35
CA ASN B 425 -13.88 -38.39 -3.52
C ASN B 425 -12.49 -38.88 -3.11
N LEU B 426 -11.79 -38.07 -2.31
CA LEU B 426 -10.43 -38.42 -1.93
C LEU B 426 -10.35 -39.83 -1.35
N ILE B 427 -11.34 -40.20 -0.54
CA ILE B 427 -11.30 -41.49 0.13
C ILE B 427 -11.41 -42.64 -0.86
N GLU B 428 -12.23 -42.52 -1.91
CA GLU B 428 -12.48 -43.72 -2.69
C GLU B 428 -11.25 -44.15 -3.51
N LYS B 429 -10.59 -43.22 -4.24
CA LYS B 429 -9.47 -43.69 -5.06
C LYS B 429 -8.18 -43.95 -4.27
N TYR B 430 -7.99 -43.31 -3.13
CA TYR B 430 -6.71 -43.40 -2.45
C TYR B 430 -6.80 -43.99 -1.05
N PHE B 431 -7.99 -44.22 -0.52
CA PHE B 431 -8.17 -44.73 0.84
C PHE B 431 -9.19 -45.87 0.86
N SER B 432 -8.93 -46.91 0.07
CA SER B 432 -9.78 -48.11 0.04
C SER B 432 -9.03 -49.31 -0.52
#